data_3KFI
#
_entry.id   3KFI
#
_cell.length_a   47.838
_cell.length_b   53.444
_cell.length_c   61.479
_cell.angle_alpha   90.000
_cell.angle_beta   90.000
_cell.angle_gamma   90.000
#
_symmetry.space_group_name_H-M   'P 21 21 21'
#
loop_
_entity.id
_entity.type
_entity.pdbx_description
1 polymer 'Major urinary protein 4'
2 non-polymer 'CHLORIDE ION'
3 non-polymer 2,5-dimethylpyrazine
4 water water
#
_entity_poly.entity_id   1
_entity_poly.type   'polypeptide(L)'
_entity_poly.pdbx_seq_one_letter_code
;EEATSKGQNLNVEKINGEWFSILLASDKREKIEEHGSMRVFVEHIHVLENSLAFKFHTVIDGECSEIFLVADKTEKAGEY
SVMYDGFNTFTILKTDYDNYIMFHLINEKDGKTFQLMELYGRKADLNSDIKEKFVKLCEEHGIIKENIIDLTKTNRCLKA
RE
;
_entity_poly.pdbx_strand_id   A
#
# COMPACT_ATOMS: atom_id res chain seq x y z
N LEU A 10 4.91 16.42 -6.22
CA LEU A 10 5.25 15.13 -6.89
C LEU A 10 4.70 15.15 -8.32
N ASN A 11 5.39 14.46 -9.22
CA ASN A 11 4.92 14.33 -10.58
C ASN A 11 4.20 12.99 -10.69
N VAL A 12 2.89 12.99 -10.45
CA VAL A 12 2.20 11.73 -10.26
C VAL A 12 2.26 10.83 -11.51
N GLU A 13 2.34 11.39 -12.72
CA GLU A 13 2.43 10.54 -13.89
C GLU A 13 3.60 9.53 -13.79
N LYS A 14 4.70 9.93 -13.12
CA LYS A 14 5.88 9.10 -13.06
C LYS A 14 5.75 7.91 -12.10
N ILE A 15 4.61 7.80 -11.40
CA ILE A 15 4.39 6.57 -10.60
C ILE A 15 3.66 5.48 -11.39
N ASN A 16 3.31 5.79 -12.64
CA ASN A 16 2.63 4.81 -13.47
C ASN A 16 3.42 3.52 -13.63
N GLY A 17 2.72 2.39 -13.69
CA GLY A 17 3.30 1.17 -14.09
C GLY A 17 3.28 0.08 -13.05
N GLU A 18 4.22 -0.84 -13.18
CA GLU A 18 4.29 -2.03 -12.35
C GLU A 18 5.05 -1.78 -11.08
N TRP A 19 4.53 -2.34 -9.99
CA TRP A 19 5.10 -2.24 -8.67
C TRP A 19 4.91 -3.56 -7.94
N PHE A 20 5.70 -3.74 -6.88
CA PHE A 20 5.60 -4.88 -5.98
C PHE A 20 5.43 -4.36 -4.55
N SER A 21 4.64 -5.06 -3.74
CA SER A 21 4.49 -4.74 -2.32
C SER A 21 5.67 -5.33 -1.58
N ILE A 22 6.33 -4.52 -0.74
CA ILE A 22 7.53 -4.95 -0.07
C ILE A 22 7.34 -4.98 1.46
N LEU A 23 7.04 -3.81 2.04
CA LEU A 23 6.72 -3.72 3.48
C LEU A 23 5.31 -3.20 3.69
N LEU A 24 4.65 -3.74 4.72
CA LEU A 24 3.26 -3.44 4.98
C LEU A 24 3.11 -3.19 6.47
N ALA A 25 2.43 -2.11 6.86
CA ALA A 25 2.48 -1.66 8.27
C ALA A 25 1.13 -1.07 8.67
N SER A 26 0.71 -1.29 9.91
CA SER A 26 -0.52 -0.67 10.39
C SER A 26 -0.51 -0.56 11.89
N ASP A 27 -1.22 0.45 12.39
CA ASP A 27 -1.44 0.55 13.81
C ASP A 27 -2.63 -0.31 14.27
N LYS A 28 -3.26 -1.08 13.35
CA LYS A 28 -4.27 -2.11 13.70
C LYS A 28 -3.78 -3.40 13.03
N ARG A 29 -2.93 -4.15 13.73
CA ARG A 29 -2.16 -5.18 13.09
C ARG A 29 -3.03 -6.24 12.44
N GLU A 30 -4.19 -6.52 13.02
CA GLU A 30 -5.05 -7.54 12.46
C GLU A 30 -5.38 -7.29 10.98
N LYS A 31 -5.38 -6.01 10.57
CA LYS A 31 -5.78 -5.70 9.20
C LYS A 31 -4.73 -6.11 8.16
N ILE A 32 -3.49 -6.36 8.63
CA ILE A 32 -2.40 -6.73 7.70
C ILE A 32 -1.90 -8.14 7.94
N GLU A 33 -2.45 -8.83 8.95
CA GLU A 33 -2.16 -10.26 9.15
C GLU A 33 -2.89 -11.10 8.11
N GLU A 34 -2.62 -12.40 8.07
CA GLU A 34 -3.34 -13.27 7.13
C GLU A 34 -4.84 -13.09 7.39
N HIS A 35 -5.60 -13.04 6.31
CA HIS A 35 -7.03 -12.84 6.30
C HIS A 35 -7.42 -11.42 6.60
N GLY A 36 -6.45 -10.52 6.81
CA GLY A 36 -6.80 -9.11 7.01
C GLY A 36 -7.12 -8.47 5.66
N SER A 37 -8.05 -7.50 5.64
CA SER A 37 -8.47 -6.88 4.41
C SER A 37 -7.35 -6.12 3.71
N MET A 38 -6.36 -5.67 4.48
CA MET A 38 -5.30 -4.84 3.89
C MET A 38 -4.02 -5.63 3.60
N ARG A 39 -4.11 -6.96 3.67
CA ARG A 39 -3.00 -7.82 3.26
C ARG A 39 -3.10 -8.04 1.75
N VAL A 40 -2.74 -6.99 1.02
CA VAL A 40 -2.89 -6.89 -0.41
C VAL A 40 -1.53 -6.58 -1.03
N PHE A 41 -1.37 -7.02 -2.29
CA PHE A 41 -0.10 -7.03 -2.99
C PHE A 41 -0.26 -6.31 -4.30
N VAL A 42 0.39 -5.16 -4.45
CA VAL A 42 0.13 -4.39 -5.65
C VAL A 42 0.79 -5.04 -6.88
N GLU A 43 0.16 -4.85 -8.03
CA GLU A 43 0.74 -5.24 -9.30
C GLU A 43 0.95 -4.05 -10.19
N HIS A 44 -0.02 -3.15 -10.28
CA HIS A 44 0.17 -1.93 -11.06
C HIS A 44 -0.60 -0.74 -10.51
N ILE A 45 -0.15 0.44 -10.89
CA ILE A 45 -0.83 1.71 -10.70
C ILE A 45 -0.91 2.40 -12.05
N HIS A 46 -2.12 2.66 -12.51
CA HIS A 46 -2.32 3.42 -13.72
C HIS A 46 -2.79 4.83 -13.38
N VAL A 47 -2.06 5.81 -13.89
CA VAL A 47 -2.37 7.18 -13.59
C VAL A 47 -3.34 7.69 -14.64
N LEU A 48 -4.51 8.15 -14.19
CA LEU A 48 -5.50 8.74 -15.07
C LEU A 48 -5.68 10.21 -14.71
N GLU A 49 -6.51 10.92 -15.48
CA GLU A 49 -6.63 12.35 -15.27
C GLU A 49 -7.02 12.72 -13.85
N ASN A 50 -7.99 12.00 -13.31
CA ASN A 50 -8.59 12.37 -12.03
C ASN A 50 -8.44 11.27 -10.99
N SER A 51 -7.59 10.28 -11.23
CA SER A 51 -7.64 9.09 -10.39
C SER A 51 -6.39 8.25 -10.58
N LEU A 52 -6.26 7.26 -9.72
CA LEU A 52 -5.24 6.22 -9.79
C LEU A 52 -5.96 4.88 -9.81
N ALA A 53 -5.64 4.03 -10.77
CA ALA A 53 -6.25 2.71 -10.88
C ALA A 53 -5.26 1.63 -10.45
N PHE A 54 -5.62 0.88 -9.41
CA PHE A 54 -4.76 -0.13 -8.86
C PHE A 54 -5.24 -1.52 -9.19
N LYS A 55 -4.30 -2.42 -9.45
CA LYS A 55 -4.55 -3.84 -9.39
C LYS A 55 -3.76 -4.44 -8.26
N PHE A 56 -4.46 -5.21 -7.42
CA PHE A 56 -3.85 -5.95 -6.30
C PHE A 56 -4.13 -7.43 -6.44
N HIS A 57 -3.34 -8.25 -5.78
CA HIS A 57 -3.75 -9.60 -5.38
C HIS A 57 -3.91 -9.67 -3.87
N THR A 58 -4.66 -10.66 -3.43
CA THR A 58 -4.75 -11.00 -2.00
C THR A 58 -4.98 -12.50 -1.92
N VAL A 59 -4.69 -13.09 -0.76
CA VAL A 59 -4.92 -14.55 -0.54
C VAL A 59 -6.23 -14.74 0.22
N ILE A 60 -7.10 -15.55 -0.36
CA ILE A 60 -8.39 -15.86 0.27
C ILE A 60 -8.44 -17.38 0.46
N ASP A 61 -8.41 -17.83 1.72
CA ASP A 61 -8.47 -19.28 2.02
C ASP A 61 -7.37 -20.02 1.24
N GLY A 62 -6.20 -19.40 1.17
CA GLY A 62 -5.04 -20.05 0.58
C GLY A 62 -4.88 -19.86 -0.91
N GLU A 63 -5.86 -19.23 -1.57
CA GLU A 63 -5.83 -19.05 -3.03
C GLU A 63 -5.70 -17.56 -3.45
N CYS A 64 -4.88 -17.29 -4.46
CA CYS A 64 -4.66 -15.94 -4.92
C CYS A 64 -5.89 -15.44 -5.66
N SER A 65 -6.21 -14.17 -5.44
CA SER A 65 -7.39 -13.53 -5.97
C SER A 65 -7.06 -12.08 -6.31
N GLU A 66 -7.69 -11.53 -7.33
CA GLU A 66 -7.47 -10.16 -7.74
C GLU A 66 -8.42 -9.17 -7.09
N ILE A 67 -7.96 -7.94 -6.93
CA ILE A 67 -8.78 -6.81 -6.50
C ILE A 67 -8.42 -5.63 -7.37
N PHE A 68 -9.40 -4.99 -7.98
CA PHE A 68 -9.19 -3.80 -8.74
C PHE A 68 -9.88 -2.64 -8.08
N LEU A 69 -9.14 -1.54 -7.87
CA LEU A 69 -9.67 -0.35 -7.23
C LEU A 69 -9.35 0.88 -8.04
N VAL A 70 -10.21 1.88 -8.00
CA VAL A 70 -9.93 3.18 -8.58
C VAL A 70 -10.07 4.21 -7.47
N ALA A 71 -9.03 5.02 -7.26
CA ALA A 71 -8.98 6.04 -6.22
C ALA A 71 -9.10 7.41 -6.89
N ASP A 72 -10.04 8.22 -6.42
CA ASP A 72 -10.32 9.52 -7.03
C ASP A 72 -9.60 10.61 -6.31
N LYS A 73 -9.15 11.62 -7.03
CA LYS A 73 -8.68 12.83 -6.37
C LYS A 73 -9.78 13.40 -5.52
N THR A 74 -9.40 13.90 -4.36
CA THR A 74 -10.36 14.61 -3.48
C THR A 74 -10.12 16.10 -3.65
N GLU A 75 -10.75 16.92 -2.80
CA GLU A 75 -10.57 18.37 -2.86
C GLU A 75 -9.28 18.79 -2.17
N LYS A 76 -8.56 17.85 -1.61
CA LYS A 76 -7.32 18.16 -0.92
C LYS A 76 -6.19 17.71 -1.85
N ALA A 77 -5.30 18.64 -2.19
CA ALA A 77 -4.24 18.37 -3.14
C ALA A 77 -3.41 17.19 -2.67
N GLY A 78 -3.13 16.26 -3.58
CA GLY A 78 -2.29 15.11 -3.27
C GLY A 78 -3.01 13.95 -2.60
N GLU A 79 -4.27 14.14 -2.21
CA GLU A 79 -5.04 13.11 -1.52
C GLU A 79 -6.01 12.42 -2.46
N TYR A 80 -6.10 11.11 -2.30
CA TYR A 80 -7.06 10.31 -3.06
C TYR A 80 -7.98 9.54 -2.12
N SER A 81 -9.16 9.15 -2.60
CA SER A 81 -10.08 8.37 -1.78
C SER A 81 -10.63 7.18 -2.55
N VAL A 82 -10.90 6.09 -1.83
CA VAL A 82 -11.38 4.88 -2.44
C VAL A 82 -12.17 4.10 -1.41
N MET A 83 -13.28 3.48 -1.83
CA MET A 83 -14.03 2.58 -0.97
C MET A 83 -13.49 1.16 -1.09
N TYR A 84 -13.07 0.62 0.06
CA TYR A 84 -12.58 -0.74 0.15
C TYR A 84 -12.55 -1.05 1.64
N ASP A 85 -13.37 -1.97 2.08
CA ASP A 85 -13.50 -2.25 3.51
C ASP A 85 -13.71 -0.97 4.29
N GLY A 86 -14.62 -0.14 3.81
CA GLY A 86 -14.88 1.16 4.39
C GLY A 86 -14.40 2.22 3.47
N PHE A 87 -14.13 3.40 4.03
CA PHE A 87 -13.78 4.57 3.23
C PHE A 87 -12.33 4.91 3.53
N ASN A 88 -11.51 4.98 2.47
CA ASN A 88 -10.08 5.23 2.62
C ASN A 88 -9.65 6.53 1.95
N THR A 89 -8.72 7.22 2.59
CA THR A 89 -8.00 8.29 1.91
C THR A 89 -6.51 7.92 1.94
N PHE A 90 -5.74 8.40 0.97
CA PHE A 90 -4.29 8.21 1.06
C PHE A 90 -3.52 9.29 0.36
N THR A 91 -2.26 9.38 0.77
CA THR A 91 -1.32 10.28 0.16
C THR A 91 -0.02 9.54 -0.10
N ILE A 92 0.83 10.11 -0.97
CA ILE A 92 2.14 9.59 -1.22
C ILE A 92 3.07 10.36 -0.34
N LEU A 93 3.82 9.66 0.50
CA LEU A 93 4.79 10.33 1.39
C LEU A 93 6.11 10.61 0.69
N LYS A 94 6.70 9.59 0.06
CA LYS A 94 8.03 9.70 -0.57
C LYS A 94 8.11 8.78 -1.77
N THR A 95 8.84 9.20 -2.81
CA THR A 95 9.12 8.34 -3.95
C THR A 95 10.33 8.88 -4.72
N ASP A 96 11.06 7.98 -5.37
CA ASP A 96 11.98 8.38 -6.41
C ASP A 96 11.55 7.95 -7.81
N TYR A 97 10.31 7.49 -7.91
CA TYR A 97 9.64 7.03 -9.13
C TYR A 97 10.15 5.74 -9.70
N ASP A 98 11.47 5.56 -9.75
CA ASP A 98 11.97 4.35 -10.42
C ASP A 98 12.52 3.26 -9.52
N ASN A 99 12.40 3.41 -8.21
CA ASN A 99 12.76 2.35 -7.29
C ASN A 99 11.72 2.14 -6.20
N TYR A 100 11.34 3.18 -5.48
CA TYR A 100 10.47 3.01 -4.33
C TYR A 100 9.36 4.03 -4.30
N ILE A 101 8.26 3.66 -3.59
CA ILE A 101 7.20 4.59 -3.24
C ILE A 101 6.62 4.20 -1.91
N MET A 102 6.29 5.22 -1.10
CA MET A 102 5.74 5.03 0.24
C MET A 102 4.38 5.69 0.31
N PHE A 103 3.36 4.93 0.68
CA PHE A 103 2.01 5.45 0.83
C PHE A 103 1.59 5.48 2.30
N HIS A 104 0.73 6.44 2.61
CA HIS A 104 0.08 6.53 3.91
C HIS A 104 -1.44 6.59 3.66
N LEU A 105 -2.16 5.63 4.22
CA LEU A 105 -3.59 5.55 4.00
C LEU A 105 -4.30 5.51 5.37
N ILE A 106 -5.50 6.11 5.39
CA ILE A 106 -6.35 6.13 6.57
C ILE A 106 -7.69 5.49 6.18
N ASN A 107 -8.05 4.44 6.92
CA ASN A 107 -9.33 3.75 6.71
C ASN A 107 -10.30 4.20 7.76
N GLU A 108 -11.56 4.40 7.35
CA GLU A 108 -12.66 4.68 8.29
C GLU A 108 -13.75 3.66 8.06
N LYS A 109 -14.22 3.05 9.16
CA LYS A 109 -15.37 2.15 9.07
C LYS A 109 -16.03 2.13 10.42
N ASP A 110 -17.35 2.32 10.43
CA ASP A 110 -18.09 2.39 11.67
C ASP A 110 -17.56 3.50 12.62
N GLY A 111 -17.10 4.59 12.02
CA GLY A 111 -16.54 5.71 12.78
C GLY A 111 -15.20 5.47 13.48
N LYS A 112 -14.59 4.31 13.28
CA LYS A 112 -13.25 3.99 13.81
C LYS A 112 -12.29 4.09 12.67
N THR A 113 -11.02 4.36 12.97
CA THR A 113 -10.02 4.53 11.94
C THR A 113 -8.75 3.76 12.28
N PHE A 114 -7.98 3.51 11.23
CA PHE A 114 -6.60 3.02 11.40
C PHE A 114 -5.77 3.50 10.21
N GLN A 115 -4.45 3.49 10.42
CA GLN A 115 -3.49 3.81 9.39
C GLN A 115 -2.90 2.57 8.77
N LEU A 116 -2.63 2.69 7.48
CA LEU A 116 -1.87 1.69 6.73
C LEU A 116 -0.73 2.42 6.06
N MET A 117 0.48 1.88 6.19
CA MET A 117 1.62 2.40 5.42
C MET A 117 2.19 1.28 4.58
N GLU A 118 2.57 1.61 3.35
CA GLU A 118 3.05 0.62 2.40
C GLU A 118 4.32 1.13 1.71
N LEU A 119 5.29 0.23 1.57
CA LEU A 119 6.50 0.46 0.75
C LEU A 119 6.42 -0.47 -0.45
N TYR A 120 6.33 0.13 -1.65
CA TYR A 120 6.36 -0.64 -2.89
C TYR A 120 7.72 -0.43 -3.57
N GLY A 121 8.14 -1.45 -4.33
CA GLY A 121 9.34 -1.35 -5.14
C GLY A 121 9.05 -1.59 -6.60
N ARG A 122 9.90 -1.08 -7.49
CA ARG A 122 9.78 -1.44 -8.92
C ARG A 122 10.27 -2.87 -9.21
N LYS A 123 11.04 -3.42 -8.28
CA LYS A 123 11.45 -4.82 -8.30
C LYS A 123 10.89 -5.55 -7.05
N ALA A 124 11.04 -6.87 -7.02
CA ALA A 124 10.43 -7.64 -5.98
C ALA A 124 11.02 -7.45 -4.58
N ASP A 125 12.18 -6.81 -4.46
CA ASP A 125 12.72 -6.48 -3.17
C ASP A 125 13.37 -5.11 -3.23
N LEU A 126 13.65 -4.58 -2.05
CA LEU A 126 14.39 -3.31 -1.89
C LEU A 126 15.49 -3.55 -0.86
N ASN A 127 16.56 -2.74 -0.93
CA ASN A 127 17.65 -2.91 0.01
C ASN A 127 17.31 -2.50 1.43
N SER A 128 18.21 -2.85 2.35
CA SER A 128 17.98 -2.65 3.77
C SER A 128 17.92 -1.18 4.14
N ASP A 129 18.64 -0.34 3.39
CA ASP A 129 18.66 1.10 3.68
C ASP A 129 17.26 1.69 3.51
N ILE A 130 16.67 1.42 2.35
CA ILE A 130 15.34 1.94 2.07
C ILE A 130 14.33 1.34 3.05
N LYS A 131 14.44 0.04 3.33
CA LYS A 131 13.50 -0.58 4.29
C LYS A 131 13.59 0.12 5.66
N GLU A 132 14.82 0.35 6.11
CA GLU A 132 15.06 0.99 7.40
C GLU A 132 14.42 2.36 7.44
N LYS A 133 14.63 3.13 6.39
CA LYS A 133 14.05 4.47 6.30
C LYS A 133 12.52 4.41 6.39
N PHE A 134 11.93 3.43 5.73
CA PHE A 134 10.48 3.25 5.82
C PHE A 134 10.06 2.89 7.24
N VAL A 135 10.78 1.99 7.89
CA VAL A 135 10.46 1.66 9.29
C VAL A 135 10.47 2.93 10.19
N LYS A 136 11.46 3.79 10.01
CA LYS A 136 11.52 5.00 10.80
C LYS A 136 10.32 5.88 10.50
N LEU A 137 9.91 5.92 9.25
CA LEU A 137 8.75 6.75 8.87
C LEU A 137 7.48 6.18 9.48
N CYS A 138 7.38 4.87 9.51
CA CYS A 138 6.26 4.24 10.22
C CYS A 138 6.24 4.67 11.69
N GLU A 139 7.39 4.60 12.34
CA GLU A 139 7.47 4.97 13.75
C GLU A 139 7.05 6.42 13.99
N GLU A 140 7.33 7.28 13.03
CA GLU A 140 7.00 8.69 13.11
C GLU A 140 5.47 8.91 13.08
N HIS A 141 4.77 7.89 12.59
CA HIS A 141 3.30 7.86 12.57
C HIS A 141 2.71 6.96 13.64
N GLY A 142 3.49 6.58 14.63
CA GLY A 142 2.96 5.76 15.72
C GLY A 142 2.76 4.32 15.36
N ILE A 143 3.33 3.91 14.21
CA ILE A 143 3.29 2.50 13.84
C ILE A 143 4.58 1.81 14.29
N ILE A 144 4.46 0.98 15.32
CA ILE A 144 5.64 0.42 15.99
C ILE A 144 6.28 -0.68 15.16
N LYS A 145 7.55 -0.97 15.46
CA LYS A 145 8.29 -1.90 14.60
C LYS A 145 7.66 -3.29 14.52
N GLU A 146 7.00 -3.69 15.59
CA GLU A 146 6.37 -4.99 15.67
C GLU A 146 5.14 -5.10 14.74
N ASN A 147 4.69 -3.95 14.25
CA ASN A 147 3.53 -3.90 13.34
C ASN A 147 3.91 -3.61 11.89
N ILE A 148 5.14 -3.96 11.51
CA ILE A 148 5.61 -3.81 10.18
C ILE A 148 6.01 -5.21 9.71
N ILE A 149 5.39 -5.65 8.61
CA ILE A 149 5.63 -6.98 8.04
C ILE A 149 6.42 -6.87 6.72
N ASP A 150 7.50 -7.66 6.62
CA ASP A 150 8.26 -7.77 5.39
C ASP A 150 7.59 -8.83 4.53
N LEU A 151 6.86 -8.36 3.54
CA LEU A 151 6.07 -9.25 2.70
C LEU A 151 6.93 -10.13 1.79
N THR A 152 8.22 -9.82 1.67
CA THR A 152 9.06 -10.65 0.82
C THR A 152 9.17 -12.06 1.44
N LYS A 153 8.87 -12.19 2.71
CA LYS A 153 8.85 -13.49 3.42
C LYS A 153 7.44 -13.97 3.70
N THR A 154 6.55 -13.65 2.76
CA THR A 154 5.14 -14.08 2.84
C THR A 154 4.68 -14.47 1.44
N ASN A 155 3.47 -15.01 1.33
CA ASN A 155 2.88 -15.29 0.03
C ASN A 155 2.31 -13.99 -0.53
N ARG A 156 3.00 -13.45 -1.54
CA ARG A 156 2.58 -12.24 -2.24
C ARG A 156 1.91 -12.53 -3.56
N CYS A 157 1.58 -13.78 -3.80
CA CYS A 157 0.95 -14.16 -5.06
C CYS A 157 1.78 -13.76 -6.29
N LEU A 158 3.10 -13.82 -6.17
CA LEU A 158 3.94 -13.44 -7.28
C LEU A 158 3.64 -14.29 -8.50
N LYS A 159 3.34 -15.57 -8.25
CA LYS A 159 3.04 -16.51 -9.34
C LYS A 159 1.80 -16.16 -10.14
N ALA A 160 0.95 -15.31 -9.56
CA ALA A 160 -0.31 -14.93 -10.18
C ALA A 160 -0.17 -13.67 -11.04
N ARG A 161 1.00 -13.03 -11.01
CA ARG A 161 1.16 -11.79 -11.73
C ARG A 161 1.22 -11.98 -13.23
#